data_3T0M
#
_entry.id   3T0M
#
_cell.length_a   82.090
_cell.length_b   112.300
_cell.length_c   62.370
_cell.angle_alpha   90.00
_cell.angle_beta   90.00
_cell.angle_gamma   90.00
#
_symmetry.space_group_name_H-M   'C 2 2 21'
#
loop_
_entity.id
_entity.type
_entity.pdbx_description
1 polymer '14-3-3 protein sigma'
2 non-polymer '(2-{2-[(2,5-dimethoxyphenyl)amino]-2-oxoethoxy}phenyl)phosphonic acid'
3 non-polymer GLYCEROL
4 non-polymer 'CHLORIDE ION'
5 non-polymer 'MAGNESIUM ION'
6 water water
#
_entity_poly.entity_id   1
_entity_poly.type   'polypeptide(L)'
_entity_poly.pdbx_seq_one_letter_code
;AMGSMERASLIQKAKLAEQAERYEDMAAFMKGAVEKGEELSCEERNLLSVAYKNVVGGQRAAWRVLSSIEQKSNEEGSEE
KGPEVREYREKVETELQGVCDTVLGLLDSHLIKEAGDAESRVFYLKMKGDYYRYLAEVATGDDKKRIIDSARSAYQEAMD
ISKKEMPPTNPIRLGLALNFSVFHYEIANSPEEAISLAKTTFDEAMADLHTLSEDSYKDSTLIMQLLRDNLTLWT
;
_entity_poly.pdbx_strand_id   A
#
# COMPACT_ATOMS: atom_id res chain seq x y z
N ALA A 1 -7.94 -21.91 -6.37
N ALA A 1 -6.94 -23.39 -8.65
CA ALA A 1 -9.28 -22.29 -6.86
CA ALA A 1 -7.77 -22.74 -7.61
C ALA A 1 -9.63 -21.46 -8.10
C ALA A 1 -8.90 -21.97 -8.35
N MET A 2 -8.68 -20.65 -8.60
CA MET A 2 -9.09 -19.94 -9.82
C MET A 2 -8.39 -20.46 -11.06
N GLY A 3 -7.65 -21.56 -10.94
CA GLY A 3 -6.82 -22.02 -12.07
C GLY A 3 -7.60 -22.43 -13.33
N SER A 4 -8.88 -22.74 -13.15
CA SER A 4 -9.72 -23.14 -14.30
CA SER A 4 -9.74 -23.12 -14.30
C SER A 4 -10.46 -21.98 -14.96
N MET A 5 -10.35 -20.78 -14.40
CA MET A 5 -11.10 -19.63 -14.95
C MET A 5 -10.21 -18.79 -15.86
N GLU A 6 -10.77 -18.39 -17.01
CA GLU A 6 -10.02 -17.51 -17.97
C GLU A 6 -9.49 -16.22 -17.29
N ARG A 7 -8.27 -15.83 -17.66
CA ARG A 7 -7.78 -14.51 -17.15
C ARG A 7 -8.80 -13.44 -17.35
N ALA A 8 -9.35 -13.29 -18.55
CA ALA A 8 -10.22 -12.18 -18.83
C ALA A 8 -11.46 -12.23 -17.96
N SER A 9 -11.90 -13.47 -17.68
CA SER A 9 -13.11 -13.64 -16.86
C SER A 9 -12.80 -13.29 -15.39
N LEU A 10 -11.60 -13.59 -14.95
CA LEU A 10 -11.21 -13.18 -13.57
C LEU A 10 -11.18 -11.66 -13.46
N ILE A 11 -10.65 -10.96 -14.46
CA ILE A 11 -10.59 -9.48 -14.42
CA ILE A 11 -10.59 -9.51 -14.31
C ILE A 11 -11.99 -8.92 -14.42
N GLN A 12 -12.81 -9.48 -15.33
CA GLN A 12 -14.21 -9.01 -15.41
C GLN A 12 -14.94 -9.20 -14.03
N LYS A 13 -14.73 -10.36 -13.44
CA LYS A 13 -15.37 -10.63 -12.14
C LYS A 13 -14.80 -9.75 -11.02
N ALA A 14 -13.49 -9.43 -11.09
CA ALA A 14 -12.98 -8.49 -10.08
C ALA A 14 -13.65 -7.13 -10.17
N LYS A 15 -13.98 -6.68 -11.40
CA LYS A 15 -14.64 -5.38 -11.56
C LYS A 15 -16.06 -5.50 -11.04
N LEU A 16 -16.72 -6.64 -11.28
CA LEU A 16 -18.10 -6.81 -10.75
C LEU A 16 -18.07 -6.84 -9.23
N ALA A 17 -17.07 -7.53 -8.67
CA ALA A 17 -16.99 -7.65 -7.19
C ALA A 17 -16.70 -6.23 -6.64
N GLU A 18 -15.90 -5.39 -7.28
CA GLU A 18 -15.71 -4.03 -6.77
C GLU A 18 -17.06 -3.27 -6.74
N GLN A 19 -17.87 -3.41 -7.79
CA GLN A 19 -19.17 -2.71 -7.85
CA GLN A 19 -19.15 -2.70 -7.85
C GLN A 19 -20.05 -3.15 -6.71
N ALA A 20 -19.94 -4.42 -6.37
CA ALA A 20 -20.76 -5.07 -5.35
C ALA A 20 -20.19 -4.88 -3.93
N GLU A 21 -19.04 -4.22 -3.89
CA GLU A 21 -18.27 -4.07 -2.62
C GLU A 21 -17.94 -5.41 -1.95
N ARG A 22 -17.55 -6.40 -2.77
CA ARG A 22 -17.23 -7.72 -2.31
C ARG A 22 -15.70 -7.81 -2.47
N TYR A 23 -15.01 -7.22 -1.51
CA TYR A 23 -13.54 -7.05 -1.67
C TYR A 23 -12.74 -8.34 -1.48
N GLU A 24 -13.17 -9.24 -0.61
CA GLU A 24 -12.48 -10.52 -0.49
CA GLU A 24 -12.54 -10.56 -0.47
C GLU A 24 -12.61 -11.27 -1.82
N ASP A 25 -13.83 -11.28 -2.43
CA ASP A 25 -13.94 -11.89 -3.78
C ASP A 25 -13.04 -11.18 -4.80
N MET A 26 -13.05 -9.87 -4.77
CA MET A 26 -12.23 -9.10 -5.74
C MET A 26 -10.76 -9.53 -5.57
N ALA A 27 -10.27 -9.63 -4.32
CA ALA A 27 -8.88 -10.06 -4.15
C ALA A 27 -8.62 -11.43 -4.62
N ALA A 28 -9.57 -12.35 -4.39
CA ALA A 28 -9.33 -13.73 -4.85
C ALA A 28 -9.31 -13.80 -6.40
N PHE A 29 -10.16 -12.98 -7.07
CA PHE A 29 -10.16 -12.94 -8.57
C PHE A 29 -8.85 -12.34 -8.99
N MET A 30 -8.39 -11.27 -8.36
CA MET A 30 -7.13 -10.68 -8.86
C MET A 30 -5.91 -11.57 -8.54
N LYS A 31 -5.93 -12.30 -7.42
CA LYS A 31 -4.83 -13.24 -7.15
C LYS A 31 -4.81 -14.27 -8.29
N GLY A 32 -6.03 -14.82 -8.61
CA GLY A 32 -6.13 -15.71 -9.75
C GLY A 32 -5.54 -15.19 -11.02
N ALA A 33 -5.88 -13.92 -11.30
CA ALA A 33 -5.35 -13.30 -12.54
C ALA A 33 -3.83 -13.18 -12.47
N VAL A 34 -3.28 -12.72 -11.36
CA VAL A 34 -1.80 -12.64 -11.26
C VAL A 34 -1.17 -14.00 -11.50
N GLU A 35 -1.77 -15.04 -10.93
CA GLU A 35 -1.22 -16.38 -11.04
C GLU A 35 -1.30 -17.00 -12.43
N LYS A 36 -1.94 -16.34 -13.37
CA LYS A 36 -1.80 -16.72 -14.79
C LYS A 36 -0.43 -16.49 -15.33
N GLY A 37 0.36 -15.62 -14.68
CA GLY A 37 1.78 -15.54 -15.04
C GLY A 37 2.04 -14.39 -15.98
N GLU A 38 1.02 -13.76 -16.57
CA GLU A 38 1.22 -12.62 -17.49
CA GLU A 38 1.26 -12.64 -17.49
C GLU A 38 1.44 -11.32 -16.70
N GLU A 39 2.21 -10.39 -17.24
CA GLU A 39 2.31 -9.06 -16.58
C GLU A 39 0.89 -8.42 -16.51
N LEU A 40 0.70 -7.51 -15.55
CA LEU A 40 -0.57 -6.81 -15.43
C LEU A 40 -0.50 -5.43 -16.05
N SER A 41 -1.58 -5.02 -16.65
CA SER A 41 -1.67 -3.67 -17.17
C SER A 41 -1.93 -2.62 -16.03
N CYS A 42 -1.87 -1.31 -16.35
CA CYS A 42 -2.13 -0.28 -15.35
CA CYS A 42 -2.12 -0.31 -15.34
C CYS A 42 -3.45 -0.53 -14.65
N GLU A 43 -4.52 -0.77 -15.44
CA GLU A 43 -5.85 -0.88 -14.84
C GLU A 43 -5.89 -2.09 -13.95
N GLU A 44 -5.26 -3.17 -14.39
CA GLU A 44 -5.25 -4.45 -13.60
C GLU A 44 -4.44 -4.24 -12.28
N ARG A 45 -3.30 -3.53 -12.36
CA ARG A 45 -2.54 -3.24 -11.12
C ARG A 45 -3.42 -2.47 -10.15
N ASN A 46 -4.19 -1.53 -10.64
CA ASN A 46 -5.04 -0.79 -9.72
C ASN A 46 -6.12 -1.67 -9.14
N LEU A 47 -6.68 -2.61 -9.91
CA LEU A 47 -7.68 -3.53 -9.36
C LEU A 47 -7.05 -4.38 -8.24
N LEU A 48 -5.84 -4.85 -8.46
CA LEU A 48 -5.16 -5.68 -7.41
C LEU A 48 -4.95 -4.88 -6.15
N SER A 49 -4.49 -3.62 -6.29
CA SER A 49 -4.26 -2.78 -5.12
CA SER A 49 -4.23 -2.85 -5.10
C SER A 49 -5.51 -2.43 -4.39
N VAL A 50 -6.55 -2.08 -5.13
CA VAL A 50 -7.84 -1.69 -4.48
C VAL A 50 -8.41 -2.90 -3.71
N ALA A 51 -8.31 -4.11 -4.29
CA ALA A 51 -8.90 -5.28 -3.61
C ALA A 51 -8.19 -5.52 -2.28
N TYR A 52 -6.87 -5.62 -2.36
CA TYR A 52 -6.16 -5.98 -1.11
C TYR A 52 -6.19 -4.81 -0.10
N LYS A 53 -6.18 -3.55 -0.58
CA LYS A 53 -6.22 -2.43 0.36
CA LYS A 53 -6.19 -2.46 0.38
C LYS A 53 -7.48 -2.50 1.18
N ASN A 54 -8.61 -2.85 0.55
CA ASN A 54 -9.86 -2.93 1.26
C ASN A 54 -9.92 -4.12 2.13
N VAL A 55 -9.38 -5.26 1.71
CA VAL A 55 -9.40 -6.44 2.61
C VAL A 55 -8.53 -6.17 3.85
N VAL A 56 -7.28 -5.80 3.65
CA VAL A 56 -6.41 -5.59 4.81
CA VAL A 56 -6.44 -5.60 4.82
C VAL A 56 -6.90 -4.41 5.62
N GLY A 57 -7.53 -3.39 4.98
CA GLY A 57 -8.02 -2.23 5.73
C GLY A 57 -9.09 -2.61 6.72
N GLY A 58 -9.99 -3.49 6.31
CA GLY A 58 -10.98 -4.08 7.26
C GLY A 58 -10.28 -4.79 8.44
N GLN A 59 -9.26 -5.59 8.13
CA GLN A 59 -8.56 -6.36 9.15
C GLN A 59 -7.82 -5.39 10.10
N ARG A 60 -7.18 -4.36 9.54
CA ARG A 60 -6.40 -3.45 10.39
C ARG A 60 -7.36 -2.68 11.34
N ALA A 61 -8.51 -2.27 10.86
CA ALA A 61 -9.45 -1.54 11.69
C ALA A 61 -9.94 -2.49 12.80
N ALA A 62 -10.24 -3.75 12.47
CA ALA A 62 -10.68 -4.68 13.52
C ALA A 62 -9.58 -4.92 14.54
N TRP A 63 -8.35 -5.14 14.05
CA TRP A 63 -7.24 -5.40 14.95
C TRP A 63 -7.06 -4.20 15.90
N ARG A 64 -7.21 -2.96 15.39
CA ARG A 64 -7.13 -1.78 16.25
CA ARG A 64 -7.08 -1.83 16.29
C ARG A 64 -8.16 -1.76 17.37
N VAL A 65 -9.42 -2.08 17.02
CA VAL A 65 -10.50 -2.11 18.02
C VAL A 65 -10.14 -3.15 19.09
N LEU A 66 -9.71 -4.32 18.65
CA LEU A 66 -9.45 -5.47 19.57
C LEU A 66 -8.24 -5.15 20.46
N SER A 67 -7.19 -4.61 19.82
CA SER A 67 -5.97 -4.22 20.56
CA SER A 67 -6.00 -4.21 20.55
C SER A 67 -6.28 -3.19 21.64
N SER A 68 -7.14 -2.25 21.35
CA SER A 68 -7.53 -1.24 22.32
CA SER A 68 -7.53 -1.21 22.31
CA SER A 68 -7.48 -1.23 22.34
C SER A 68 -8.26 -1.85 23.47
N ILE A 69 -9.16 -2.75 23.14
CA ILE A 69 -9.93 -3.44 24.21
C ILE A 69 -8.97 -4.26 25.05
N GLU A 70 -8.01 -4.95 24.43
CA GLU A 70 -7.08 -5.81 25.13
C GLU A 70 -6.22 -4.93 26.06
N GLN A 71 -5.83 -3.75 25.57
CA GLN A 71 -4.86 -2.96 26.37
C GLN A 71 -5.60 -2.41 27.59
N LYS A 72 -6.86 -2.05 27.42
CA LYS A 72 -7.73 -1.68 28.55
C LYS A 72 -7.96 -2.80 29.57
N SER A 73 -8.06 -4.03 29.09
CA SER A 73 -8.23 -5.18 29.99
C SER A 73 -6.94 -5.57 30.74
N ASN A 74 -5.83 -4.87 30.48
CA ASN A 74 -4.54 -5.23 31.07
C ASN A 74 -4.01 -4.22 32.09
N LYS A 81 -10.32 -10.04 33.29
CA LYS A 81 -10.99 -11.11 32.54
C LYS A 81 -10.09 -12.34 32.29
N GLY A 82 -10.41 -13.10 31.22
CA GLY A 82 -9.73 -14.35 30.78
C GLY A 82 -9.03 -14.17 29.44
N PRO A 83 -8.78 -15.27 28.72
CA PRO A 83 -7.91 -15.20 27.56
C PRO A 83 -8.64 -14.71 26.29
N GLU A 84 -9.95 -14.46 26.36
CA GLU A 84 -10.72 -14.33 25.09
C GLU A 84 -10.31 -13.17 24.23
N VAL A 85 -10.11 -11.98 24.81
CA VAL A 85 -9.76 -10.79 23.97
CA VAL A 85 -9.81 -10.83 23.93
C VAL A 85 -8.44 -11.03 23.30
N ARG A 86 -7.46 -11.51 24.05
CA ARG A 86 -6.14 -11.84 23.45
CA ARG A 86 -6.16 -11.81 23.46
C ARG A 86 -6.28 -12.87 22.35
N GLU A 87 -7.06 -13.95 22.60
CA GLU A 87 -7.20 -15.04 21.61
C GLU A 87 -7.84 -14.47 20.32
N TYR A 88 -8.86 -13.61 20.44
CA TYR A 88 -9.54 -13.15 19.23
C TYR A 88 -8.70 -12.11 18.51
N ARG A 89 -8.01 -11.26 19.31
CA ARG A 89 -7.05 -10.33 18.66
C ARG A 89 -6.00 -11.15 17.90
N GLU A 90 -5.44 -12.22 18.48
CA GLU A 90 -4.47 -13.06 17.83
CA GLU A 90 -4.47 -13.08 17.82
C GLU A 90 -5.01 -13.69 16.54
N LYS A 91 -6.28 -14.12 16.55
CA LYS A 91 -6.87 -14.73 15.35
CA LYS A 91 -6.96 -14.68 15.38
C LYS A 91 -6.96 -13.67 14.22
N VAL A 92 -7.43 -12.46 14.53
CA VAL A 92 -7.53 -11.41 13.52
C VAL A 92 -6.10 -11.07 13.08
N GLU A 93 -5.17 -10.96 14.02
CA GLU A 93 -3.76 -10.70 13.63
C GLU A 93 -3.17 -11.74 12.70
N THR A 94 -3.46 -13.02 12.91
CA THR A 94 -2.95 -14.03 12.08
CA THR A 94 -2.89 -14.02 12.03
C THR A 94 -3.53 -13.96 10.64
N GLU A 95 -4.81 -13.65 10.59
CA GLU A 95 -5.52 -13.56 9.30
CA GLU A 95 -5.58 -13.52 9.32
C GLU A 95 -4.95 -12.35 8.52
N LEU A 96 -4.74 -11.23 9.25
CA LEU A 96 -4.05 -10.02 8.64
C LEU A 96 -2.70 -10.43 8.09
N GLN A 97 -1.87 -11.11 8.90
CA GLN A 97 -0.53 -11.53 8.48
C GLN A 97 -0.61 -12.39 7.24
N GLY A 98 -1.65 -13.26 7.22
CA GLY A 98 -1.78 -14.16 6.06
C GLY A 98 -2.05 -13.37 4.79
N VAL A 99 -2.85 -12.34 4.85
CA VAL A 99 -3.24 -11.52 3.69
C VAL A 99 -1.97 -10.81 3.24
N CYS A 100 -1.22 -10.26 4.22
CA CYS A 100 0.03 -9.57 3.82
C CYS A 100 1.02 -10.53 3.16
N ASP A 101 1.17 -11.72 3.72
CA ASP A 101 2.10 -12.69 3.16
CA ASP A 101 2.04 -12.75 3.18
C ASP A 101 1.64 -13.10 1.74
N THR A 102 0.33 -13.17 1.53
CA THR A 102 -0.19 -13.53 0.14
C THR A 102 0.24 -12.45 -0.82
N VAL A 103 -0.01 -11.22 -0.41
CA VAL A 103 0.37 -10.11 -1.35
C VAL A 103 1.84 -10.08 -1.61
N LEU A 104 2.62 -10.19 -0.53
CA LEU A 104 4.09 -10.19 -0.69
C LEU A 104 4.53 -11.36 -1.53
N GLY A 105 3.82 -12.48 -1.42
CA GLY A 105 4.21 -13.60 -2.27
C GLY A 105 3.92 -13.35 -3.74
N LEU A 106 2.82 -12.71 -4.04
CA LEU A 106 2.48 -12.39 -5.47
C LEU A 106 3.58 -11.44 -5.99
N LEU A 107 3.97 -10.49 -5.12
CA LEU A 107 5.00 -9.56 -5.62
C LEU A 107 6.35 -10.25 -5.85
N ASP A 108 6.68 -11.20 -4.99
CA ASP A 108 7.96 -11.94 -5.18
C ASP A 108 7.91 -13.06 -6.20
N SER A 109 6.71 -13.50 -6.54
CA SER A 109 6.54 -14.61 -7.46
C SER A 109 5.45 -14.28 -8.47
N HIS A 110 5.67 -13.43 -9.51
CA HIS A 110 6.97 -12.91 -9.87
C HIS A 110 6.79 -11.51 -10.40
N LEU A 111 5.85 -10.76 -9.75
CA LEU A 111 5.46 -9.50 -10.37
C LEU A 111 6.68 -8.53 -10.43
N ILE A 112 7.42 -8.40 -9.31
CA ILE A 112 8.51 -7.38 -9.33
C ILE A 112 9.61 -7.73 -10.33
N LYS A 113 10.01 -8.98 -10.35
CA LYS A 113 11.12 -9.30 -11.23
C LYS A 113 10.81 -9.10 -12.73
N GLU A 114 9.53 -9.23 -13.12
CA GLU A 114 9.16 -9.00 -14.51
CA GLU A 114 9.12 -9.05 -14.50
C GLU A 114 8.86 -7.58 -14.83
N ALA A 115 8.81 -6.72 -13.81
CA ALA A 115 8.43 -5.31 -14.03
C ALA A 115 9.62 -4.44 -14.40
N GLY A 116 9.67 -4.11 -15.67
CA GLY A 116 10.83 -3.33 -16.27
C GLY A 116 10.47 -1.85 -16.42
N ASP A 117 9.22 -1.52 -16.60
CA ASP A 117 8.91 -0.14 -16.78
C ASP A 117 8.81 0.51 -15.45
N ALA A 118 9.20 1.79 -15.37
CA ALA A 118 9.11 2.48 -14.09
C ALA A 118 7.72 2.49 -13.46
N GLU A 119 6.65 2.72 -14.24
CA GLU A 119 5.34 2.77 -13.62
CA GLU A 119 5.27 2.75 -13.72
C GLU A 119 4.97 1.43 -12.99
N SER A 120 5.39 0.34 -13.57
CA SER A 120 5.03 -0.92 -12.93
CA SER A 120 5.04 -0.92 -12.95
C SER A 120 5.96 -1.22 -11.78
N ARG A 121 7.25 -1.05 -11.98
CA ARG A 121 8.19 -1.39 -10.90
C ARG A 121 8.01 -0.53 -9.67
N VAL A 122 7.80 0.80 -9.86
CA VAL A 122 7.53 1.63 -8.66
C VAL A 122 6.23 1.21 -7.99
N PHE A 123 5.17 0.89 -8.77
CA PHE A 123 3.90 0.51 -8.15
C PHE A 123 4.11 -0.72 -7.29
N TYR A 124 4.80 -1.74 -7.85
CA TYR A 124 4.89 -2.95 -7.04
C TYR A 124 5.83 -2.80 -5.85
N LEU A 125 6.94 -2.05 -5.99
CA LEU A 125 7.81 -1.84 -4.79
C LEU A 125 7.07 -0.96 -3.75
N LYS A 126 6.23 0.00 -4.12
CA LYS A 126 5.40 0.70 -3.14
C LYS A 126 4.49 -0.30 -2.43
N MET A 127 3.89 -1.20 -3.20
CA MET A 127 3.01 -2.24 -2.58
CA MET A 127 2.99 -2.22 -2.57
C MET A 127 3.79 -3.09 -1.59
N LYS A 128 5.04 -3.48 -1.95
CA LYS A 128 5.84 -4.28 -1.05
C LYS A 128 6.11 -3.50 0.25
N GLY A 129 6.48 -2.21 0.10
CA GLY A 129 6.64 -1.34 1.32
C GLY A 129 5.37 -1.29 2.16
N ASP A 130 4.23 -1.14 1.51
CA ASP A 130 2.96 -0.97 2.20
C ASP A 130 2.63 -2.28 3.01
N TYR A 131 2.77 -3.42 2.35
CA TYR A 131 2.37 -4.68 3.07
C TYR A 131 3.40 -5.06 4.15
N TYR A 132 4.70 -4.76 3.98
CA TYR A 132 5.55 -4.94 5.14
C TYR A 132 5.18 -3.91 6.21
N ARG A 133 4.80 -2.67 5.86
CA ARG A 133 4.34 -1.74 6.84
C ARG A 133 3.14 -2.26 7.65
N TYR A 134 2.19 -2.93 7.01
CA TYR A 134 1.06 -3.48 7.77
C TYR A 134 1.52 -4.59 8.65
N LEU A 135 2.47 -5.41 8.20
CA LEU A 135 3.05 -6.43 9.10
C LEU A 135 3.72 -5.73 10.25
N ALA A 136 4.42 -4.61 9.99
CA ALA A 136 5.14 -3.98 11.16
C ALA A 136 4.17 -3.45 12.20
N GLU A 137 2.95 -2.99 11.84
CA GLU A 137 2.02 -2.38 12.75
C GLU A 137 1.64 -3.42 13.83
N VAL A 138 1.71 -4.69 13.48
CA VAL A 138 1.32 -5.74 14.47
C VAL A 138 2.47 -6.52 15.03
N ALA A 139 3.68 -6.22 14.58
CA ALA A 139 4.87 -6.99 14.98
C ALA A 139 5.42 -6.50 16.33
N THR A 140 5.94 -7.48 17.05
CA THR A 140 6.51 -7.22 18.38
C THR A 140 8.00 -7.71 18.44
N GLY A 141 8.89 -6.72 18.67
CA GLY A 141 10.27 -6.93 19.16
C GLY A 141 11.33 -6.84 18.08
N ASP A 142 12.17 -7.88 18.01
CA ASP A 142 13.19 -8.06 16.93
C ASP A 142 12.93 -9.25 15.89
N ASP A 143 11.71 -9.29 15.38
CA ASP A 143 11.65 -9.52 13.94
C ASP A 143 10.91 -8.28 13.46
N LYS A 144 10.34 -7.55 14.43
CA LYS A 144 9.80 -6.28 14.13
C LYS A 144 10.86 -5.42 13.40
N LYS A 145 12.10 -5.46 13.88
CA LYS A 145 13.12 -4.57 13.24
C LYS A 145 13.33 -4.96 11.83
N ARG A 146 13.41 -6.25 11.57
CA ARG A 146 13.76 -6.75 10.25
CA ARG A 146 13.68 -6.82 10.34
C ARG A 146 12.54 -6.43 9.34
N ILE A 147 11.32 -6.48 9.85
CA ILE A 147 10.13 -6.23 8.96
C ILE A 147 10.17 -4.69 8.59
N ILE A 148 10.47 -3.81 9.57
CA ILE A 148 10.56 -2.39 9.33
C ILE A 148 11.65 -2.14 8.32
N ASP A 149 12.79 -2.79 8.42
CA ASP A 149 13.80 -2.53 7.39
CA ASP A 149 13.87 -2.67 7.43
C ASP A 149 13.42 -3.04 6.02
N SER A 150 12.64 -4.13 5.94
CA SER A 150 12.18 -4.59 4.63
C SER A 150 11.24 -3.52 4.04
N ALA A 151 10.37 -2.96 4.86
CA ALA A 151 9.45 -1.94 4.27
C ALA A 151 10.30 -0.75 3.78
N ARG A 152 11.25 -0.34 4.63
CA ARG A 152 12.00 0.90 4.30
CA ARG A 152 12.11 0.82 4.32
C ARG A 152 12.81 0.62 2.99
N SER A 153 13.40 -0.56 2.86
CA SER A 153 14.17 -0.90 1.67
CA SER A 153 14.17 -0.89 1.67
C SER A 153 13.33 -0.88 0.39
N ALA A 154 12.12 -1.42 0.47
CA ALA A 154 11.26 -1.42 -0.67
C ALA A 154 10.87 0.01 -1.05
N TYR A 155 10.42 0.80 -0.06
CA TYR A 155 10.09 2.18 -0.31
C TYR A 155 11.24 2.97 -0.89
N GLN A 156 12.44 2.71 -0.37
CA GLN A 156 13.61 3.49 -0.83
C GLN A 156 13.94 3.14 -2.25
N GLU A 157 13.90 1.84 -2.62
CA GLU A 157 14.15 1.42 -4.03
CA GLU A 157 14.15 1.48 -4.06
C GLU A 157 13.09 2.11 -4.95
N ALA A 158 11.85 2.13 -4.51
CA ALA A 158 10.80 2.72 -5.34
C ALA A 158 11.08 4.22 -5.46
N MET A 159 11.46 4.86 -4.38
CA MET A 159 11.70 6.36 -4.42
CA MET A 159 11.75 6.32 -4.40
C MET A 159 12.87 6.56 -5.38
N ASP A 160 13.92 5.76 -5.30
CA ASP A 160 15.08 6.02 -6.19
C ASP A 160 14.69 5.91 -7.68
N ILE A 161 13.85 4.92 -8.04
CA ILE A 161 13.43 4.80 -9.45
C ILE A 161 12.51 5.95 -9.80
N SER A 162 11.61 6.32 -8.89
CA SER A 162 10.62 7.32 -9.19
CA SER A 162 10.66 7.35 -9.12
C SER A 162 11.29 8.70 -9.43
N LYS A 163 12.35 9.00 -8.70
CA LYS A 163 12.99 10.32 -8.85
C LYS A 163 13.79 10.34 -10.12
N LYS A 164 14.29 9.20 -10.60
CA LYS A 164 14.98 9.18 -11.89
C LYS A 164 14.04 9.19 -13.12
N GLU A 165 12.87 8.53 -13.01
CA GLU A 165 12.08 8.14 -14.15
CA GLU A 165 12.11 8.19 -14.19
C GLU A 165 10.70 8.77 -14.26
N MET A 166 10.21 9.44 -13.21
CA MET A 166 8.86 10.03 -13.29
C MET A 166 8.90 11.49 -12.94
N PRO A 167 7.94 12.26 -13.47
CA PRO A 167 7.91 13.68 -13.04
C PRO A 167 7.37 13.78 -11.62
N PRO A 168 7.66 14.89 -10.93
CA PRO A 168 7.23 15.01 -9.55
C PRO A 168 5.77 15.04 -9.36
N THR A 169 4.95 15.27 -10.41
CA THR A 169 3.50 15.22 -10.21
C THR A 169 2.89 13.84 -10.52
N ASN A 170 3.73 12.88 -10.92
CA ASN A 170 3.12 11.59 -11.29
C ASN A 170 2.34 11.02 -10.06
N PRO A 171 1.08 10.59 -10.20
CA PRO A 171 0.35 10.15 -9.02
CA PRO A 171 0.33 10.13 -9.03
C PRO A 171 0.93 8.93 -8.30
N ILE A 172 1.62 8.07 -9.05
CA ILE A 172 2.21 6.92 -8.33
CA ILE A 172 2.30 6.91 -8.46
C ILE A 172 3.37 7.42 -7.51
N ARG A 173 4.18 8.31 -8.05
CA ARG A 173 5.29 8.91 -7.28
C ARG A 173 4.77 9.64 -6.09
N LEU A 174 3.68 10.42 -6.24
CA LEU A 174 3.09 11.13 -5.10
C LEU A 174 2.55 10.21 -4.02
N GLY A 175 1.85 9.17 -4.47
CA GLY A 175 1.28 8.22 -3.48
C GLY A 175 2.37 7.41 -2.78
N LEU A 176 3.43 7.11 -3.47
CA LEU A 176 4.58 6.47 -2.83
C LEU A 176 5.14 7.38 -1.76
N ALA A 177 5.38 8.67 -2.11
CA ALA A 177 5.95 9.55 -1.13
C ALA A 177 5.06 9.76 0.08
N LEU A 178 3.74 9.89 -0.19
CA LEU A 178 2.74 9.93 0.88
C LEU A 178 2.86 8.73 1.84
N ASN A 179 2.89 7.54 1.26
CA ASN A 179 2.93 6.34 2.15
C ASN A 179 4.25 6.14 2.82
N PHE A 180 5.36 6.54 2.16
CA PHE A 180 6.67 6.48 2.82
C PHE A 180 6.74 7.46 3.95
N SER A 181 6.13 8.66 3.77
N SER A 181 6.12 8.64 3.78
CA SER A 181 6.07 9.65 4.88
CA SER A 181 6.07 9.63 4.89
C SER A 181 5.29 9.11 6.06
C SER A 181 5.28 9.13 6.06
N VAL A 182 4.18 8.41 5.78
CA VAL A 182 3.42 7.78 6.87
C VAL A 182 4.25 6.67 7.56
N PHE A 183 5.00 5.88 6.79
CA PHE A 183 5.89 4.89 7.37
C PHE A 183 6.86 5.59 8.32
N HIS A 184 7.48 6.72 7.89
CA HIS A 184 8.42 7.32 8.82
C HIS A 184 7.73 7.84 10.05
N TYR A 185 6.53 8.45 9.95
CA TYR A 185 5.89 9.03 11.15
C TYR A 185 5.36 7.94 12.10
N GLU A 186 4.65 6.96 11.54
CA GLU A 186 3.97 5.98 12.41
C GLU A 186 4.78 4.74 12.73
N ILE A 187 5.68 4.32 11.89
CA ILE A 187 6.38 3.03 12.11
C ILE A 187 7.82 3.27 12.57
N ALA A 188 8.54 4.19 11.87
CA ALA A 188 9.93 4.28 12.08
C ALA A 188 10.28 5.31 13.19
N ASN A 189 9.28 5.91 13.81
CA ASN A 189 9.51 6.90 14.87
CA ASN A 189 9.49 6.92 14.87
C ASN A 189 10.41 8.04 14.35
N SER A 190 10.14 8.47 13.12
CA SER A 190 11.05 9.50 12.45
C SER A 190 10.14 10.61 11.98
N PRO A 191 9.48 11.34 12.89
CA PRO A 191 8.54 12.36 12.43
C PRO A 191 9.23 13.46 11.65
N GLU A 192 10.45 13.77 11.99
CA GLU A 192 11.08 14.85 11.16
C GLU A 192 11.31 14.44 9.72
N GLU A 193 11.74 13.19 9.51
CA GLU A 193 11.92 12.68 8.13
C GLU A 193 10.54 12.69 7.42
N ALA A 194 9.52 12.31 8.16
CA ALA A 194 8.15 12.27 7.56
C ALA A 194 7.75 13.64 7.06
N ILE A 195 7.97 14.65 7.93
CA ILE A 195 7.57 16.01 7.58
C ILE A 195 8.44 16.54 6.45
N SER A 196 9.73 16.27 6.47
CA SER A 196 10.61 16.71 5.39
CA SER A 196 10.61 16.70 5.39
C SER A 196 10.22 16.09 4.05
N LEU A 197 9.92 14.79 4.09
CA LEU A 197 9.52 14.16 2.83
C LEU A 197 8.22 14.71 2.31
N ALA A 198 7.21 14.85 3.16
CA ALA A 198 5.91 15.27 2.67
C ALA A 198 6.01 16.74 2.17
N LYS A 199 6.82 17.55 2.83
CA LYS A 199 7.02 18.98 2.39
CA LYS A 199 7.07 18.95 2.39
C LYS A 199 7.77 19.09 1.06
N THR A 200 8.91 18.40 0.90
CA THR A 200 9.67 18.43 -0.34
CA THR A 200 9.61 18.48 -0.38
C THR A 200 8.79 17.88 -1.52
N THR A 201 8.12 16.76 -1.26
CA THR A 201 7.22 16.22 -2.29
C THR A 201 6.16 17.18 -2.73
N PHE A 202 5.50 17.83 -1.77
CA PHE A 202 4.42 18.79 -2.06
C PHE A 202 5.01 19.96 -2.88
N ASP A 203 6.18 20.42 -2.48
CA ASP A 203 6.73 21.67 -3.08
C ASP A 203 7.18 21.33 -4.53
N GLU A 204 7.78 20.17 -4.75
CA GLU A 204 8.25 19.82 -6.08
CA GLU A 204 8.25 19.86 -6.07
C GLU A 204 7.09 19.52 -7.00
N ALA A 205 6.02 18.96 -6.46
CA ALA A 205 4.81 18.77 -7.30
C ALA A 205 4.21 20.12 -7.71
N MET A 206 4.03 21.00 -6.73
CA MET A 206 3.43 22.31 -7.02
CA MET A 206 3.54 22.40 -6.95
C MET A 206 4.15 23.02 -8.18
N ALA A 207 5.48 22.97 -8.21
CA ALA A 207 6.27 23.64 -9.25
C ALA A 207 6.15 23.00 -10.60
N ASP A 208 5.58 21.77 -10.68
CA ASP A 208 5.45 21.00 -11.94
CA ASP A 208 5.43 21.23 -12.02
C ASP A 208 3.98 21.01 -12.46
N LEU A 209 3.05 21.56 -11.68
CA LEU A 209 1.62 21.51 -12.03
C LEU A 209 1.34 22.22 -13.36
N HIS A 210 2.13 23.23 -13.67
CA HIS A 210 1.87 24.03 -14.89
C HIS A 210 1.97 23.20 -16.16
N THR A 211 2.60 22.00 -16.08
CA THR A 211 2.86 21.17 -17.26
C THR A 211 1.67 20.28 -17.51
N LEU A 212 0.69 20.25 -16.62
CA LEU A 212 -0.37 19.26 -16.64
C LEU A 212 -1.60 19.71 -17.41
N SER A 213 -2.31 18.74 -18.00
CA SER A 213 -3.70 18.97 -18.44
C SER A 213 -4.64 19.10 -17.29
N GLU A 214 -5.90 19.50 -17.54
CA GLU A 214 -6.84 19.64 -16.46
CA GLU A 214 -6.93 19.61 -16.53
C GLU A 214 -7.11 18.30 -15.76
N ASP A 215 -7.17 17.17 -16.50
CA ASP A 215 -7.49 15.93 -15.78
C ASP A 215 -6.29 15.45 -14.93
N SER A 216 -5.08 15.58 -15.47
CA SER A 216 -3.83 15.22 -14.75
C SER A 216 -3.69 16.14 -13.54
N TYR A 217 -4.03 17.41 -13.72
CA TYR A 217 -3.96 18.33 -12.57
CA TYR A 217 -4.04 18.35 -12.59
C TYR A 217 -4.89 17.90 -11.44
N LYS A 218 -6.12 17.44 -11.77
CA LYS A 218 -7.06 16.98 -10.77
CA LYS A 218 -7.04 17.00 -10.76
C LYS A 218 -6.48 15.76 -10.03
N ASP A 219 -5.90 14.81 -10.81
CA ASP A 219 -5.30 13.56 -10.21
C ASP A 219 -4.15 13.94 -9.22
N SER A 220 -3.24 14.80 -9.66
CA SER A 220 -2.08 15.16 -8.82
C SER A 220 -2.48 16.00 -7.62
N THR A 221 -3.39 16.97 -7.78
CA THR A 221 -3.65 17.85 -6.66
C THR A 221 -4.45 17.09 -5.62
N LEU A 222 -5.18 16.01 -6.01
CA LEU A 222 -5.90 15.18 -5.01
CA LEU A 222 -5.90 15.24 -5.00
C LEU A 222 -4.93 14.58 -3.99
N ILE A 223 -3.82 14.10 -4.51
CA ILE A 223 -2.82 13.43 -3.60
CA ILE A 223 -2.78 13.40 -3.70
C ILE A 223 -2.02 14.44 -2.89
N MET A 224 -1.73 15.56 -3.58
CA MET A 224 -1.09 16.68 -2.83
C MET A 224 -1.89 17.15 -1.59
N GLN A 225 -3.27 17.11 -1.72
CA GLN A 225 -4.07 17.52 -0.60
C GLN A 225 -3.91 16.54 0.60
N LEU A 226 -3.73 15.27 0.26
CA LEU A 226 -3.42 14.26 1.30
C LEU A 226 -2.07 14.55 2.02
N LEU A 227 -1.05 14.93 1.22
CA LEU A 227 0.21 15.30 1.83
C LEU A 227 -0.01 16.50 2.74
N ARG A 228 -0.79 17.47 2.28
CA ARG A 228 -1.05 18.71 3.06
CA ARG A 228 -0.98 18.70 3.09
C ARG A 228 -1.78 18.40 4.36
N ASP A 229 -2.75 17.48 4.25
CA ASP A 229 -3.61 17.07 5.41
C ASP A 229 -2.70 16.40 6.46
N ASN A 230 -1.73 15.58 6.01
CA ASN A 230 -0.78 15.00 7.01
C ASN A 230 0.10 16.03 7.62
N LEU A 231 0.66 16.92 6.80
CA LEU A 231 1.47 17.98 7.34
C LEU A 231 0.72 18.85 8.39
N THR A 232 -0.56 19.06 8.17
CA THR A 232 -1.37 19.78 9.16
C THR A 232 -1.54 18.99 10.45
N LEU A 233 -1.66 17.68 10.33
CA LEU A 233 -1.82 16.84 11.48
C LEU A 233 -0.48 16.77 12.23
N TRP A 234 0.65 16.85 11.52
CA TRP A 234 1.97 16.55 12.12
C TRP A 234 2.74 17.73 12.64
N THR A 235 2.29 18.91 12.27
CA THR A 235 2.99 20.10 12.62
C THR A 235 2.06 21.10 13.31
#